data_5UMZ
#
_entry.id   5UMZ
#
_cell.length_a   78.791
_cell.length_b   89.980
_cell.length_c   99.280
_cell.angle_alpha   90.00
_cell.angle_beta   90.00
_cell.angle_gamma   90.00
#
_symmetry.space_group_name_H-M   'P 21 21 21'
#
loop_
_entity.id
_entity.type
_entity.pdbx_description
1 polymer 'Importin subunit alpha-1'
2 polymer TNRC6A
3 non-polymer GLYCEROL
4 water water
#
loop_
_entity_poly.entity_id
_entity_poly.type
_entity_poly.pdbx_seq_one_letter_code
_entity_poly.pdbx_strand_id
1 'polypeptide(L)'
;MHHHHHHSSGLVPRGSGMLETAAALFERNHMDSPDLGTDDDDLAMADIGSNQGTVNWSVEDIVKGINSNNLESQLQATQA
ARKLLSREKQPPIDNIIRAGLIPKFVSFLGKTDCSPIQFESAWALTNIASGTSEQTKAVVDGGAIPAFISLLASPHAHIS
EQAVWALGNIAGDGSAFRDLVIKHGAIDPLLALLAVPDLSTLACGYLRNLTWTLSNLCRNKNPAPPLDAVEQILPTLVRL
LHHNDPEVLADSCWAISYLTDGPNERIEMVVKKGVVPQLVKLLGATELPIVTPALRAIGNIVTGTDEQTQKVIDAGALAV
FPSLLTNPKTNIQKEATWTMSNITAGRQDQIQQVVNHGLVPFLVGVLSKADFKTQKEAAWAITNYTSGGTVEQIVYLVHC
GIIEPLMNLLSAKDTKIIQVILDAISNIFQAAEKLGETEKLSIMIEECGGLDKIEALQRHENESVYKASLNLIEKYFSVE
EEEDQNVVPETTSEGFAFQVQDGAPGTFN
;
B
2 'polypeptide(L)' GPLGSGKKRRRER E,D
#
# COMPACT_ATOMS: atom_id res chain seq x y z
N GLY A 53 11.53 33.67 23.67
CA GLY A 53 12.23 34.69 22.90
C GLY A 53 12.60 34.30 21.47
N THR A 54 12.36 33.03 21.10
CA THR A 54 12.64 32.55 19.74
C THR A 54 11.36 32.44 18.88
N VAL A 55 10.30 33.19 19.21
CA VAL A 55 9.01 33.05 18.54
C VAL A 55 8.88 34.05 17.40
N ASN A 56 8.55 33.54 16.20
CA ASN A 56 8.29 34.33 15.01
C ASN A 56 9.43 35.27 14.68
N TRP A 57 10.67 34.75 14.65
CA TRP A 57 11.76 35.57 14.16
C TRP A 57 11.65 35.75 12.65
N SER A 58 12.22 36.84 12.15
CA SER A 58 12.39 36.95 10.71
C SER A 58 13.56 36.07 10.25
N VAL A 59 13.54 35.67 8.97
CA VAL A 59 14.65 34.91 8.42
C VAL A 59 15.94 35.72 8.50
N GLU A 60 15.84 37.03 8.29
CA GLU A 60 16.98 37.92 8.44
C GLU A 60 17.62 37.79 9.83
N ASP A 61 16.81 37.80 10.88
CA ASP A 61 17.35 37.69 12.25
C ASP A 61 17.94 36.31 12.50
N ILE A 62 17.31 35.27 11.95
CA ILE A 62 17.88 33.92 12.07
C ILE A 62 19.26 33.88 11.47
N VAL A 63 19.40 34.47 10.27
CA VAL A 63 20.69 34.45 9.58
C VAL A 63 21.72 35.17 10.42
N LYS A 64 21.33 36.32 10.98
CA LYS A 64 22.28 37.10 11.77
C LYS A 64 22.77 36.34 12.98
N GLY A 65 21.86 35.62 13.67
CA GLY A 65 22.31 34.80 14.81
C GLY A 65 23.17 33.60 14.40
N ILE A 66 22.79 32.91 13.31
CA ILE A 66 23.56 31.74 12.86
C ILE A 66 24.97 32.13 12.38
N ASN A 67 25.10 33.29 11.75
CA ASN A 67 26.38 33.83 11.31
C ASN A 67 27.19 34.52 12.41
N SER A 68 26.63 34.70 13.60
N SER A 68 26.77 34.48 13.70
CA SER A 68 27.48 35.11 14.70
CA SER A 68 27.46 35.26 14.72
C SER A 68 28.46 33.99 14.97
C SER A 68 28.74 34.62 15.27
N ASN A 69 29.62 34.36 15.50
N ASN A 69 28.98 33.31 15.09
CA ASN A 69 30.54 33.35 16.00
CA ASN A 69 30.14 32.64 15.72
C ASN A 69 30.26 32.99 17.45
C ASN A 69 30.13 32.71 17.26
N ASN A 70 28.98 32.99 17.86
CA ASN A 70 28.68 32.77 19.28
C ASN A 70 27.75 31.56 19.32
N LEU A 71 28.23 30.45 19.90
CA LEU A 71 27.48 29.19 19.77
C LEU A 71 26.08 29.32 20.38
N GLU A 72 25.98 30.04 21.48
CA GLU A 72 24.69 30.21 22.13
CA GLU A 72 24.69 30.22 22.12
C GLU A 72 23.76 31.10 21.29
N SER A 73 24.30 32.19 20.69
CA SER A 73 23.50 32.93 19.70
C SER A 73 23.06 32.03 18.54
N GLN A 74 23.97 31.19 18.07
CA GLN A 74 23.61 30.25 16.97
C GLN A 74 22.52 29.27 17.41
N LEU A 75 22.60 28.80 18.64
CA LEU A 75 21.58 27.89 19.16
C LEU A 75 20.22 28.58 19.19
N GLN A 76 20.17 29.79 19.75
CA GLN A 76 18.89 30.49 19.83
C GLN A 76 18.31 30.74 18.42
N ALA A 77 19.14 31.16 17.48
CA ALA A 77 18.63 31.39 16.13
C ALA A 77 18.21 30.08 15.45
N THR A 78 18.90 28.98 15.72
CA THR A 78 18.49 27.68 15.15
C THR A 78 17.18 27.21 15.73
N GLN A 79 16.97 27.43 17.03
CA GLN A 79 15.65 27.15 17.59
C GLN A 79 14.58 28.02 16.96
N ALA A 80 14.87 29.30 16.72
CA ALA A 80 13.91 30.19 16.06
C ALA A 80 13.55 29.67 14.67
N ALA A 81 14.54 29.19 13.92
CA ALA A 81 14.26 28.58 12.61
C ALA A 81 13.40 27.32 12.76
N ARG A 82 13.69 26.50 13.78
CA ARG A 82 12.90 25.30 14.00
C ARG A 82 11.43 25.67 14.26
N LYS A 83 11.19 26.72 15.05
CA LYS A 83 9.81 27.09 15.34
C LYS A 83 9.11 27.61 14.10
N LEU A 84 9.78 28.44 13.29
CA LEU A 84 9.22 28.88 12.01
C LEU A 84 8.89 27.67 11.13
N LEU A 85 9.82 26.72 11.06
CA LEU A 85 9.62 25.55 10.19
C LEU A 85 8.55 24.61 10.74
N SER A 86 8.12 24.82 11.98
CA SER A 86 7.14 23.94 12.64
C SER A 86 5.73 24.51 12.66
N ARG A 87 5.55 25.73 12.17
CA ARG A 87 4.28 26.44 12.28
C ARG A 87 3.22 25.79 11.39
N GLU A 88 1.96 26.01 11.76
CA GLU A 88 0.86 25.26 11.17
C GLU A 88 0.74 25.55 9.67
N LYS A 89 0.84 26.80 9.27
CA LYS A 89 0.55 27.19 7.89
C LYS A 89 1.81 27.66 7.18
N GLN A 90 2.06 27.09 6.00
CA GLN A 90 3.03 27.62 5.06
C GLN A 90 4.41 27.88 5.65
N PRO A 91 5.04 26.87 6.25
CA PRO A 91 6.42 27.06 6.75
C PRO A 91 7.29 27.57 5.63
N PRO A 92 8.17 28.66 5.92
CA PRO A 92 8.96 29.30 4.85
C PRO A 92 10.20 28.50 4.48
N ILE A 93 9.97 27.29 3.94
CA ILE A 93 11.08 26.41 3.63
C ILE A 93 12.00 27.02 2.58
N ASP A 94 11.42 27.48 1.46
CA ASP A 94 12.27 28.04 0.40
C ASP A 94 13.06 29.24 0.88
N ASN A 95 12.46 30.07 1.72
CA ASN A 95 13.22 31.25 2.20
C ASN A 95 14.41 30.84 3.07
N ILE A 96 14.25 29.80 3.89
CA ILE A 96 15.37 29.28 4.69
C ILE A 96 16.43 28.68 3.77
N ILE A 97 16.01 27.91 2.76
CA ILE A 97 16.99 27.39 1.82
C ILE A 97 17.72 28.53 1.13
N ARG A 98 16.95 29.47 0.56
CA ARG A 98 17.55 30.60 -0.15
C ARG A 98 18.49 31.42 0.73
N ALA A 99 18.23 31.46 2.05
CA ALA A 99 19.18 32.19 2.92
C ALA A 99 20.48 31.45 3.13
N GLY A 100 20.63 30.25 2.57
CA GLY A 100 21.91 29.57 2.69
C GLY A 100 22.10 28.82 4.01
N LEU A 101 21.05 28.51 4.74
CA LEU A 101 21.21 27.98 6.10
C LEU A 101 21.47 26.48 6.17
N ILE A 102 21.18 25.72 5.12
CA ILE A 102 21.32 24.26 5.26
C ILE A 102 22.73 23.85 5.64
N PRO A 103 23.80 24.39 5.01
CA PRO A 103 25.16 23.99 5.42
C PRO A 103 25.47 24.24 6.87
N LYS A 104 24.99 25.38 7.39
CA LYS A 104 25.19 25.66 8.79
C LYS A 104 24.46 24.65 9.67
N PHE A 105 23.17 24.40 9.37
CA PHE A 105 22.44 23.35 10.14
C PHE A 105 23.19 22.02 10.09
N VAL A 106 23.67 21.62 8.92
CA VAL A 106 24.37 20.35 8.84
C VAL A 106 25.62 20.36 9.70
N SER A 107 26.37 21.49 9.73
CA SER A 107 27.55 21.48 10.61
C SER A 107 27.14 21.41 12.08
N PHE A 108 26.01 22.00 12.44
CA PHE A 108 25.56 21.91 13.82
C PHE A 108 25.21 20.48 14.23
N LEU A 109 24.78 19.63 13.28
CA LEU A 109 24.53 18.23 13.65
C LEU A 109 25.76 17.60 14.27
N GLY A 110 26.93 18.06 13.88
CA GLY A 110 28.17 17.50 14.37
C GLY A 110 28.66 17.99 15.73
N LYS A 111 27.98 18.95 16.38
CA LYS A 111 28.46 19.58 17.63
C LYS A 111 28.11 18.74 18.85
N THR A 112 28.88 17.67 19.02
CA THR A 112 28.65 16.76 20.14
C THR A 112 28.62 17.48 21.48
N ASP A 113 29.34 18.61 21.61
CA ASP A 113 29.36 19.27 22.90
C ASP A 113 28.18 20.17 23.13
N CYS A 114 27.32 20.37 22.14
CA CYS A 114 26.13 21.20 22.31
C CYS A 114 24.91 20.39 21.84
N SER A 115 24.49 19.41 22.62
CA SER A 115 23.38 18.55 22.19
C SER A 115 22.14 19.36 21.87
N PRO A 116 21.84 20.49 22.53
CA PRO A 116 20.66 21.26 22.12
C PRO A 116 20.72 21.75 20.67
N ILE A 117 21.88 22.19 20.19
CA ILE A 117 21.90 22.68 18.82
C ILE A 117 21.87 21.48 17.85
N GLN A 118 22.36 20.31 18.27
CA GLN A 118 22.17 19.13 17.42
C GLN A 118 20.68 18.84 17.22
N PHE A 119 19.92 18.89 18.31
CA PHE A 119 18.49 18.62 18.28
C PHE A 119 17.77 19.64 17.43
N GLU A 120 18.01 20.95 17.70
CA GLU A 120 17.30 22.01 16.96
C GLU A 120 17.61 21.94 15.46
N SER A 121 18.88 21.75 15.08
CA SER A 121 19.20 21.67 13.65
CA SER A 121 19.21 21.67 13.65
CA SER A 121 19.21 21.67 13.65
C SER A 121 18.61 20.41 13.04
N ALA A 122 18.61 19.31 13.79
CA ALA A 122 18.04 18.04 13.26
C ALA A 122 16.55 18.23 12.96
N TRP A 123 15.84 18.91 13.87
CA TRP A 123 14.42 19.16 13.67
C TRP A 123 14.20 20.12 12.50
N ALA A 124 14.98 21.23 12.45
CA ALA A 124 14.87 22.14 11.33
C ALA A 124 15.08 21.41 10.00
N LEU A 125 16.15 20.60 9.93
CA LEU A 125 16.42 19.90 8.64
C LEU A 125 15.39 18.83 8.34
N THR A 126 14.89 18.17 9.37
CA THR A 126 13.78 17.23 9.16
C THR A 126 12.64 17.93 8.42
N ASN A 127 12.31 19.14 8.84
CA ASN A 127 11.12 19.80 8.29
C ASN A 127 11.36 20.34 6.90
N ILE A 128 12.58 20.76 6.63
CA ILE A 128 12.92 21.11 5.25
C ILE A 128 12.80 19.86 4.38
N ALA A 129 13.35 18.73 4.86
CA ALA A 129 13.30 17.47 4.07
C ALA A 129 11.89 16.93 3.93
N SER A 130 10.94 17.40 4.74
CA SER A 130 9.54 16.98 4.65
C SER A 130 8.82 17.58 3.43
N GLY A 131 9.47 18.48 2.68
CA GLY A 131 8.81 19.23 1.62
C GLY A 131 8.85 18.55 0.25
N THR A 132 9.00 19.34 -0.80
CA THR A 132 9.07 18.80 -2.17
C THR A 132 10.35 18.02 -2.38
N SER A 133 10.45 17.31 -3.50
CA SER A 133 11.73 16.66 -3.83
C SER A 133 12.85 17.65 -3.87
N GLU A 134 12.62 18.84 -4.45
CA GLU A 134 13.71 19.80 -4.51
C GLU A 134 14.15 20.25 -3.11
N GLN A 135 13.21 20.37 -2.19
CA GLN A 135 13.58 20.76 -0.84
C GLN A 135 14.34 19.61 -0.13
N THR A 136 13.88 18.37 -0.29
CA THR A 136 14.65 17.26 0.26
C THR A 136 16.05 17.19 -0.34
N LYS A 137 16.15 17.42 -1.66
CA LYS A 137 17.47 17.37 -2.31
C LYS A 137 18.41 18.41 -1.71
N ALA A 138 17.90 19.58 -1.36
CA ALA A 138 18.77 20.60 -0.76
C ALA A 138 19.40 20.09 0.53
N VAL A 139 18.62 19.35 1.33
CA VAL A 139 19.15 18.76 2.56
C VAL A 139 20.20 17.71 2.24
N VAL A 140 19.87 16.78 1.31
CA VAL A 140 20.85 15.78 0.89
C VAL A 140 22.10 16.45 0.34
N ASP A 141 21.92 17.48 -0.50
CA ASP A 141 23.08 18.17 -1.11
C ASP A 141 23.95 18.84 -0.06
N GLY A 142 23.39 19.19 1.10
CA GLY A 142 24.25 19.73 2.16
C GLY A 142 25.06 18.74 2.94
N GLY A 143 25.02 17.44 2.59
CA GLY A 143 25.76 16.44 3.35
C GLY A 143 24.99 15.86 4.54
N ALA A 144 23.67 16.02 4.59
CA ALA A 144 22.95 15.64 5.81
C ALA A 144 22.89 14.13 6.02
N ILE A 145 22.96 13.33 4.95
CA ILE A 145 22.71 11.89 5.17
C ILE A 145 23.73 11.28 6.14
N PRO A 146 25.05 11.39 5.90
CA PRO A 146 26.00 10.78 6.87
C PRO A 146 25.95 11.42 8.23
N ALA A 147 25.66 12.73 8.30
CA ALA A 147 25.57 13.41 9.59
C ALA A 147 24.40 12.87 10.41
N PHE A 148 23.25 12.60 9.77
CA PHE A 148 22.12 12.00 10.51
C PHE A 148 22.42 10.55 10.91
N ILE A 149 23.06 9.77 10.04
CA ILE A 149 23.35 8.39 10.41
C ILE A 149 24.25 8.38 11.64
N SER A 150 25.19 9.31 11.72
CA SER A 150 26.05 9.37 12.91
CA SER A 150 26.03 9.32 12.91
C SER A 150 25.25 9.72 14.16
N LEU A 151 24.17 10.46 14.01
CA LEU A 151 23.38 10.81 15.19
C LEU A 151 22.49 9.66 15.64
N LEU A 152 22.33 8.60 14.84
CA LEU A 152 21.55 7.46 15.31
C LEU A 152 22.11 6.87 16.61
N ALA A 153 23.43 6.92 16.78
CA ALA A 153 24.11 6.40 17.97
C ALA A 153 24.15 7.40 19.13
N SER A 154 23.53 8.56 18.99
CA SER A 154 23.51 9.56 20.05
C SER A 154 23.03 8.96 21.38
N PRO A 155 23.64 9.36 22.53
CA PRO A 155 23.11 8.94 23.83
C PRO A 155 21.83 9.66 24.18
N HIS A 156 21.44 10.70 23.44
CA HIS A 156 20.21 11.42 23.75
C HIS A 156 19.12 10.85 22.88
N ALA A 157 18.11 10.25 23.52
CA ALA A 157 17.05 9.58 22.78
C ALA A 157 16.33 10.54 21.84
N HIS A 158 16.10 11.78 22.29
CA HIS A 158 15.32 12.69 21.45
C HIS A 158 16.10 13.10 20.19
N ILE A 159 17.44 13.05 20.23
CA ILE A 159 18.25 13.39 19.06
C ILE A 159 18.31 12.22 18.11
N SER A 160 18.55 11.02 18.62
CA SER A 160 18.54 9.86 17.74
CA SER A 160 18.53 9.82 17.79
C SER A 160 17.18 9.70 17.08
N GLU A 161 16.10 9.94 17.83
CA GLU A 161 14.76 9.89 17.23
C GLU A 161 14.61 10.91 16.10
N GLN A 162 15.10 12.13 16.31
CA GLN A 162 14.98 13.13 15.26
C GLN A 162 15.77 12.72 14.01
N ALA A 163 16.92 12.06 14.21
CA ALA A 163 17.69 11.59 13.07
C ALA A 163 16.98 10.46 12.35
N VAL A 164 16.34 9.55 13.10
CA VAL A 164 15.47 8.54 12.47
C VAL A 164 14.43 9.21 11.58
N TRP A 165 13.77 10.23 12.12
CA TRP A 165 12.70 10.92 11.41
C TRP A 165 13.24 11.58 10.14
N ALA A 166 14.36 12.29 10.25
CA ALA A 166 14.90 12.97 9.09
C ALA A 166 15.25 11.97 8.00
N LEU A 167 15.87 10.84 8.37
CA LEU A 167 16.21 9.85 7.36
C LEU A 167 14.96 9.23 6.73
N GLY A 168 13.88 9.09 7.49
CA GLY A 168 12.63 8.64 6.90
C GLY A 168 12.12 9.59 5.84
N ASN A 169 12.22 10.90 6.08
CA ASN A 169 11.77 11.85 5.05
C ASN A 169 12.68 11.77 3.82
N ILE A 170 13.97 11.65 4.04
CA ILE A 170 14.89 11.55 2.89
C ILE A 170 14.60 10.29 2.09
N ALA A 171 14.61 9.15 2.78
CA ALA A 171 14.37 7.90 2.07
C ALA A 171 13.01 7.87 1.43
N GLY A 172 12.02 8.52 2.06
CA GLY A 172 10.66 8.53 1.52
C GLY A 172 10.49 9.34 0.25
N ASP A 173 11.49 10.14 -0.13
CA ASP A 173 11.35 10.93 -1.33
C ASP A 173 11.22 10.05 -2.57
N GLY A 174 11.96 8.95 -2.62
CA GLY A 174 11.94 8.15 -3.85
C GLY A 174 13.05 7.12 -3.82
N SER A 175 13.09 6.29 -4.87
CA SER A 175 14.02 5.16 -4.88
CA SER A 175 14.02 5.15 -4.84
C SER A 175 15.48 5.59 -4.79
N ALA A 176 15.85 6.66 -5.52
CA ALA A 176 17.28 7.02 -5.48
C ALA A 176 17.74 7.48 -4.12
N PHE A 177 17.01 8.41 -3.46
CA PHE A 177 17.45 8.79 -2.12
C PHE A 177 17.31 7.63 -1.13
N ARG A 178 16.30 6.77 -1.31
CA ARG A 178 16.18 5.59 -0.46
C ARG A 178 17.47 4.78 -0.56
N ASP A 179 17.87 4.47 -1.81
CA ASP A 179 19.07 3.66 -2.04
C ASP A 179 20.31 4.38 -1.59
N LEU A 180 20.30 5.72 -1.64
CA LEU A 180 21.49 6.45 -1.18
C LEU A 180 21.60 6.42 0.34
N VAL A 181 20.46 6.53 1.04
CA VAL A 181 20.48 6.34 2.49
C VAL A 181 21.02 4.95 2.85
N ILE A 182 20.60 3.93 2.11
CA ILE A 182 21.07 2.56 2.38
C ILE A 182 22.58 2.47 2.13
N LYS A 183 23.05 3.06 1.03
CA LYS A 183 24.49 3.00 0.73
C LYS A 183 25.34 3.69 1.79
N HIS A 184 24.83 4.78 2.39
CA HIS A 184 25.58 5.40 3.47
C HIS A 184 25.55 4.59 4.78
N GLY A 185 24.87 3.46 4.79
CA GLY A 185 24.94 2.54 5.94
C GLY A 185 23.87 2.79 6.98
N ALA A 186 22.68 3.25 6.60
CA ALA A 186 21.67 3.55 7.63
C ALA A 186 21.08 2.30 8.28
N ILE A 187 21.02 1.15 7.59
CA ILE A 187 20.19 0.06 8.09
C ILE A 187 20.76 -0.53 9.39
N ASP A 188 22.08 -0.82 9.43
CA ASP A 188 22.62 -1.41 10.68
C ASP A 188 22.27 -0.59 11.92
N PRO A 189 22.61 0.71 11.96
CA PRO A 189 22.32 1.48 13.20
C PRO A 189 20.83 1.65 13.45
N LEU A 190 19.99 1.72 12.40
CA LEU A 190 18.54 1.75 12.64
C LEU A 190 18.09 0.44 13.27
N LEU A 191 18.55 -0.70 12.72
CA LEU A 191 18.09 -1.94 13.30
C LEU A 191 18.65 -2.15 14.72
N ALA A 192 19.84 -1.63 15.01
CA ALA A 192 20.40 -1.74 16.35
C ALA A 192 19.54 -1.05 17.39
N LEU A 193 18.80 0.00 17.01
CA LEU A 193 17.93 0.69 17.98
C LEU A 193 16.77 -0.19 18.42
N LEU A 194 16.39 -1.17 17.60
CA LEU A 194 15.31 -2.10 17.90
C LEU A 194 15.81 -3.42 18.46
N ALA A 195 17.11 -3.56 18.73
CA ALA A 195 17.63 -4.86 19.21
C ALA A 195 17.54 -4.94 20.74
N VAL A 196 16.29 -5.08 21.19
CA VAL A 196 15.94 -5.16 22.61
C VAL A 196 15.12 -6.43 22.80
N PRO A 197 15.15 -7.06 23.98
CA PRO A 197 14.34 -8.29 24.17
C PRO A 197 12.86 -8.05 24.00
N ASP A 198 12.36 -6.87 24.38
CA ASP A 198 10.92 -6.62 24.33
C ASP A 198 10.67 -5.20 23.84
N LEU A 199 10.02 -5.07 22.67
CA LEU A 199 9.79 -3.75 22.08
C LEU A 199 8.96 -2.85 23.01
N SER A 200 8.20 -3.44 23.90
CA SER A 200 7.40 -2.68 24.87
C SER A 200 8.21 -1.77 25.79
N THR A 201 9.52 -1.99 25.92
CA THR A 201 10.28 -1.10 26.76
C THR A 201 10.66 0.20 26.05
N LEU A 202 10.48 0.28 24.74
CA LEU A 202 10.81 1.52 24.02
C LEU A 202 9.66 2.50 24.16
N ALA A 203 9.99 3.79 24.08
CA ALA A 203 8.93 4.78 24.10
C ALA A 203 8.09 4.60 22.86
N CYS A 204 6.77 4.71 23.01
CA CYS A 204 5.88 4.44 21.89
CA CYS A 204 5.92 4.41 21.86
C CYS A 204 6.17 5.37 20.70
N GLY A 205 6.36 6.66 20.97
CA GLY A 205 6.57 7.58 19.86
C GLY A 205 7.84 7.26 19.10
N TYR A 206 8.88 6.87 19.84
CA TYR A 206 10.16 6.50 19.24
CA TYR A 206 10.17 6.49 19.27
C TYR A 206 10.03 5.25 18.38
N LEU A 207 9.37 4.21 18.90
CA LEU A 207 9.14 3.01 18.11
C LEU A 207 8.31 3.29 16.86
N ARG A 208 7.27 4.12 16.97
CA ARG A 208 6.47 4.46 15.78
C ARG A 208 7.30 5.13 14.69
N ASN A 209 8.18 6.04 15.09
CA ASN A 209 9.03 6.74 14.13
C ASN A 209 10.00 5.77 13.47
N LEU A 210 10.61 4.86 14.25
CA LEU A 210 11.48 3.85 13.65
C LEU A 210 10.71 2.99 12.67
N THR A 211 9.51 2.53 13.05
CA THR A 211 8.75 1.67 12.14
C THR A 211 8.45 2.40 10.82
N TRP A 212 8.01 3.65 10.92
CA TRP A 212 7.71 4.43 9.74
C TRP A 212 8.95 4.60 8.85
N THR A 213 10.10 4.95 9.45
CA THR A 213 11.32 5.10 8.63
C THR A 213 11.71 3.78 7.97
N LEU A 214 11.67 2.65 8.71
CA LEU A 214 11.91 1.37 8.03
C LEU A 214 10.90 1.13 6.90
N SER A 215 9.63 1.54 7.09
CA SER A 215 8.69 1.30 5.99
C SER A 215 9.07 2.10 4.75
N ASN A 216 9.63 3.32 4.92
CA ASN A 216 10.11 4.06 3.76
C ASN A 216 11.33 3.41 3.12
N LEU A 217 12.17 2.67 3.88
CA LEU A 217 13.26 1.93 3.23
C LEU A 217 12.74 0.77 2.40
N CYS A 218 11.54 0.32 2.67
CA CYS A 218 10.88 -0.75 1.90
C CYS A 218 10.04 -0.23 0.74
N ARG A 219 9.78 1.07 0.72
CA ARG A 219 8.84 1.68 -0.22
CA ARG A 219 8.85 1.69 -0.22
C ARG A 219 9.51 1.99 -1.57
N ASN A 220 8.66 2.07 -2.63
CA ASN A 220 8.99 2.52 -3.98
C ASN A 220 9.59 1.44 -4.87
N LYS A 221 9.53 1.70 -6.18
CA LYS A 221 9.82 0.72 -7.21
C LYS A 221 10.62 1.39 -8.31
N ASN A 222 11.04 0.62 -9.28
CA ASN A 222 11.87 1.16 -10.36
C ASN A 222 13.07 1.97 -9.87
N PRO A 223 13.95 1.32 -9.10
CA PRO A 223 13.85 -0.10 -8.77
C PRO A 223 13.24 -0.33 -7.39
N ALA A 224 12.89 -1.58 -7.11
CA ALA A 224 12.57 -1.98 -5.74
C ALA A 224 13.83 -1.91 -4.89
N PRO A 225 13.69 -1.95 -3.56
CA PRO A 225 14.85 -1.84 -2.71
C PRO A 225 15.80 -2.99 -2.93
N PRO A 226 17.09 -2.80 -2.67
CA PRO A 226 18.08 -3.89 -2.89
C PRO A 226 17.67 -5.17 -2.15
N LEU A 227 17.86 -6.32 -2.79
CA LEU A 227 17.40 -7.56 -2.19
C LEU A 227 18.04 -7.77 -0.83
N ASP A 228 19.35 -7.46 -0.70
CA ASP A 228 20.06 -7.71 0.56
C ASP A 228 19.59 -6.77 1.67
N ALA A 229 19.20 -5.53 1.33
CA ALA A 229 18.60 -4.64 2.34
C ALA A 229 17.26 -5.18 2.83
N VAL A 230 16.45 -5.70 1.91
CA VAL A 230 15.16 -6.29 2.29
C VAL A 230 15.40 -7.49 3.21
N GLU A 231 16.35 -8.36 2.86
CA GLU A 231 16.61 -9.53 3.73
C GLU A 231 17.08 -9.09 5.10
N GLN A 232 17.85 -8.00 5.15
CA GLN A 232 18.37 -7.46 6.40
C GLN A 232 17.27 -6.89 7.28
N ILE A 233 16.28 -6.22 6.70
CA ILE A 233 15.22 -5.57 7.49
C ILE A 233 14.16 -6.57 7.91
N LEU A 234 13.93 -7.61 7.12
CA LEU A 234 12.67 -8.35 7.25
C LEU A 234 12.47 -8.95 8.65
N PRO A 235 13.49 -9.54 9.29
CA PRO A 235 13.24 -10.14 10.62
C PRO A 235 12.79 -9.11 11.64
N THR A 236 13.30 -7.87 11.56
CA THR A 236 12.81 -6.84 12.49
C THR A 236 11.40 -6.45 12.14
N LEU A 237 11.09 -6.35 10.84
CA LEU A 237 9.72 -6.07 10.45
CA LEU A 237 9.71 -6.08 10.44
C LEU A 237 8.77 -7.16 10.95
N VAL A 238 9.18 -8.43 10.83
CA VAL A 238 8.30 -9.49 11.33
C VAL A 238 7.99 -9.28 12.81
N ARG A 239 9.00 -8.88 13.59
CA ARG A 239 8.80 -8.58 15.02
CA ARG A 239 8.76 -8.63 15.00
C ARG A 239 7.85 -7.42 15.22
N LEU A 240 8.00 -6.35 14.44
CA LEU A 240 7.12 -5.19 14.59
C LEU A 240 5.70 -5.54 14.21
N LEU A 241 5.53 -6.42 13.24
CA LEU A 241 4.18 -6.81 12.84
C LEU A 241 3.43 -7.56 13.96
N HIS A 242 4.16 -8.04 14.98
CA HIS A 242 3.52 -8.68 16.14
C HIS A 242 3.44 -7.76 17.35
N HIS A 243 3.82 -6.52 17.19
CA HIS A 243 3.74 -5.60 18.32
C HIS A 243 2.29 -5.13 18.54
N ASN A 244 1.97 -4.64 19.73
CA ASN A 244 0.56 -4.33 19.99
C ASN A 244 0.21 -2.84 19.80
N ASP A 245 1.04 -2.07 19.26
CA ASP A 245 0.60 -0.67 19.03
C ASP A 245 -0.09 -0.52 17.68
N PRO A 246 -1.28 0.12 17.60
CA PRO A 246 -1.97 0.21 16.31
C PRO A 246 -1.18 0.94 15.22
N GLU A 247 -0.46 2.03 15.56
CA GLU A 247 0.29 2.72 14.49
C GLU A 247 1.49 1.90 14.04
N VAL A 248 2.20 1.24 14.96
CA VAL A 248 3.28 0.35 14.55
C VAL A 248 2.73 -0.74 13.65
N LEU A 249 1.60 -1.33 14.03
CA LEU A 249 1.01 -2.38 13.18
C LEU A 249 0.67 -1.85 11.79
N ALA A 250 0.03 -0.69 11.73
CA ALA A 250 -0.33 -0.15 10.41
C ALA A 250 0.94 0.05 9.56
N ASP A 251 1.97 0.70 10.13
CA ASP A 251 3.14 0.97 9.26
C ASP A 251 3.92 -0.30 8.93
N SER A 252 3.94 -1.29 9.84
CA SER A 252 4.53 -2.58 9.49
CA SER A 252 4.55 -2.56 9.48
C SER A 252 3.77 -3.24 8.35
N CYS A 253 2.43 -3.21 8.39
CA CYS A 253 1.66 -3.72 7.27
C CYS A 253 1.94 -2.94 5.99
N TRP A 254 2.03 -1.59 6.08
CA TRP A 254 2.38 -0.85 4.87
C TRP A 254 3.71 -1.35 4.30
N ALA A 255 4.71 -1.51 5.16
CA ALA A 255 6.02 -1.96 4.70
C ALA A 255 5.90 -3.32 4.02
N ILE A 256 5.16 -4.23 4.65
CA ILE A 256 4.97 -5.55 4.04
C ILE A 256 4.24 -5.41 2.70
N SER A 257 3.27 -4.50 2.61
CA SER A 257 2.55 -4.30 1.35
C SER A 257 3.48 -3.80 0.26
N TYR A 258 4.43 -2.92 0.61
CA TYR A 258 5.38 -2.50 -0.42
C TYR A 258 6.27 -3.66 -0.87
N LEU A 259 6.75 -4.48 0.08
CA LEU A 259 7.69 -5.55 -0.29
C LEU A 259 7.02 -6.63 -1.14
N THR A 260 5.70 -6.82 -1.00
CA THR A 260 4.99 -7.83 -1.81
C THR A 260 4.45 -7.27 -3.11
N ASP A 261 4.63 -5.98 -3.35
CA ASP A 261 4.17 -5.35 -4.60
C ASP A 261 5.31 -5.51 -5.61
N GLY A 262 5.32 -6.66 -6.27
CA GLY A 262 6.49 -6.97 -7.10
C GLY A 262 6.40 -8.38 -7.65
N PRO A 263 7.46 -8.83 -8.34
CA PRO A 263 7.45 -10.19 -8.91
C PRO A 263 7.42 -11.27 -7.83
N ASN A 264 7.23 -12.51 -8.30
CA ASN A 264 6.98 -13.60 -7.36
C ASN A 264 8.12 -13.78 -6.38
N GLU A 265 9.36 -13.47 -6.81
CA GLU A 265 10.50 -13.68 -5.95
C GLU A 265 10.48 -12.74 -4.75
N ARG A 266 10.03 -11.50 -4.97
CA ARG A 266 9.87 -10.59 -3.84
C ARG A 266 8.77 -11.07 -2.90
N ILE A 267 7.65 -11.51 -3.46
CA ILE A 267 6.58 -12.08 -2.61
C ILE A 267 7.12 -13.23 -1.78
N GLU A 268 7.94 -14.09 -2.40
CA GLU A 268 8.38 -15.29 -1.71
C GLU A 268 9.29 -14.96 -0.53
N MET A 269 10.13 -13.91 -0.66
CA MET A 269 10.99 -13.52 0.45
C MET A 269 10.16 -13.19 1.69
N VAL A 270 9.00 -12.60 1.47
CA VAL A 270 8.10 -12.25 2.58
C VAL A 270 7.36 -13.48 3.06
N VAL A 271 6.74 -14.20 2.13
CA VAL A 271 5.89 -15.34 2.54
C VAL A 271 6.71 -16.39 3.28
N LYS A 272 7.98 -16.58 2.86
CA LYS A 272 8.84 -17.56 3.53
C LYS A 272 9.14 -17.21 4.98
N LYS A 273 9.02 -15.93 5.35
CA LYS A 273 9.19 -15.55 6.76
C LYS A 273 7.96 -15.90 7.62
N GLY A 274 6.91 -16.45 7.03
CA GLY A 274 5.81 -16.93 7.83
C GLY A 274 4.84 -15.89 8.31
N VAL A 275 4.81 -14.70 7.72
CA VAL A 275 3.92 -13.62 8.17
C VAL A 275 2.46 -13.75 7.72
N VAL A 276 2.14 -14.63 6.78
CA VAL A 276 0.76 -14.63 6.24
C VAL A 276 -0.29 -14.79 7.34
N PRO A 277 -0.15 -15.73 8.29
CA PRO A 277 -1.17 -15.83 9.37
C PRO A 277 -1.33 -14.55 10.17
N GLN A 278 -0.23 -13.84 10.48
CA GLN A 278 -0.41 -12.58 11.19
C GLN A 278 -1.10 -11.56 10.30
N LEU A 279 -0.76 -11.53 9.01
CA LEU A 279 -1.49 -10.60 8.12
C LEU A 279 -3.01 -10.88 8.12
N VAL A 280 -3.38 -12.16 8.09
CA VAL A 280 -4.82 -12.51 8.08
C VAL A 280 -5.48 -12.09 9.37
N LYS A 281 -4.79 -12.25 10.50
CA LYS A 281 -5.31 -11.75 11.76
C LYS A 281 -5.55 -10.25 11.70
N LEU A 282 -4.60 -9.51 11.13
CA LEU A 282 -4.76 -8.06 11.09
C LEU A 282 -5.85 -7.65 10.12
N LEU A 283 -6.07 -8.49 9.10
N LEU A 283 -6.10 -8.46 9.08
CA LEU A 283 -7.18 -8.30 8.18
CA LEU A 283 -7.27 -8.25 8.22
C LEU A 283 -8.52 -8.20 8.90
C LEU A 283 -8.52 -8.06 9.02
N GLY A 284 -8.65 -8.81 10.08
CA GLY A 284 -9.84 -8.67 10.88
C GLY A 284 -9.76 -7.60 11.95
N ALA A 285 -8.74 -6.74 11.95
CA ALA A 285 -8.67 -5.72 12.99
C ALA A 285 -9.85 -4.74 12.91
N THR A 286 -10.16 -4.11 14.03
CA THR A 286 -11.23 -3.11 13.94
C THR A 286 -10.73 -1.78 13.38
N GLU A 287 -9.43 -1.51 13.45
CA GLU A 287 -8.89 -0.25 12.95
C GLU A 287 -8.73 -0.29 11.44
N LEU A 288 -9.44 0.60 10.74
CA LEU A 288 -9.31 0.68 9.29
C LEU A 288 -7.89 1.01 8.86
N PRO A 289 -7.11 1.84 9.58
CA PRO A 289 -5.71 2.05 9.15
C PRO A 289 -4.85 0.79 9.23
N ILE A 290 -5.26 -0.24 9.97
CA ILE A 290 -4.57 -1.52 9.91
C ILE A 290 -5.15 -2.39 8.82
N VAL A 291 -6.49 -2.47 8.73
CA VAL A 291 -7.08 -3.33 7.72
C VAL A 291 -6.62 -2.94 6.32
N THR A 292 -6.55 -1.63 6.03
CA THR A 292 -6.24 -1.21 4.66
C THR A 292 -4.90 -1.76 4.17
N PRO A 293 -3.76 -1.55 4.86
CA PRO A 293 -2.49 -2.15 4.37
C PRO A 293 -2.44 -3.66 4.53
N ALA A 294 -3.08 -4.24 5.55
CA ALA A 294 -3.07 -5.69 5.62
C ALA A 294 -3.72 -6.29 4.40
N LEU A 295 -4.85 -5.73 3.98
CA LEU A 295 -5.55 -6.22 2.78
C LEU A 295 -4.74 -5.93 1.52
N ARG A 296 -4.07 -4.79 1.46
CA ARG A 296 -3.24 -4.57 0.27
CA ARG A 296 -3.21 -4.54 0.30
C ARG A 296 -2.14 -5.62 0.18
N ALA A 297 -1.51 -5.99 1.33
CA ALA A 297 -0.46 -6.98 1.30
C ALA A 297 -1.01 -8.34 0.90
N ILE A 298 -2.15 -8.70 1.49
CA ILE A 298 -2.76 -9.99 1.14
C ILE A 298 -3.09 -10.03 -0.34
N GLY A 299 -3.67 -8.94 -0.86
CA GLY A 299 -3.96 -8.87 -2.29
C GLY A 299 -2.71 -8.98 -3.14
N ASN A 300 -1.61 -8.31 -2.72
CA ASN A 300 -0.37 -8.47 -3.48
C ASN A 300 0.09 -9.91 -3.48
N ILE A 301 0.00 -10.58 -2.31
CA ILE A 301 0.52 -11.95 -2.25
C ILE A 301 -0.24 -12.86 -3.22
N VAL A 302 -1.57 -12.70 -3.33
CA VAL A 302 -2.31 -13.65 -4.19
C VAL A 302 -2.16 -13.27 -5.66
N THR A 303 -1.39 -12.22 -5.99
CA THR A 303 -0.98 -12.05 -7.39
C THR A 303 0.19 -12.95 -7.76
N GLY A 304 0.74 -13.69 -6.79
CA GLY A 304 1.90 -14.53 -7.00
C GLY A 304 1.56 -15.93 -7.54
N THR A 305 2.34 -16.92 -7.15
CA THR A 305 2.10 -18.26 -7.66
C THR A 305 0.87 -18.86 -6.99
N ASP A 306 0.39 -20.00 -7.51
CA ASP A 306 -0.75 -20.63 -6.86
C ASP A 306 -0.38 -21.13 -5.47
N GLU A 307 0.89 -21.51 -5.26
CA GLU A 307 1.31 -21.93 -3.92
C GLU A 307 1.31 -20.78 -2.91
N GLN A 308 1.78 -19.61 -3.34
CA GLN A 308 1.70 -18.43 -2.46
C GLN A 308 0.25 -18.09 -2.15
N THR A 309 -0.62 -18.16 -3.16
CA THR A 309 -2.06 -17.94 -2.91
C THR A 309 -2.60 -18.95 -1.91
N GLN A 310 -2.17 -20.22 -2.02
CA GLN A 310 -2.67 -21.25 -1.10
C GLN A 310 -2.31 -20.96 0.35
N LYS A 311 -1.14 -20.32 0.59
CA LYS A 311 -0.81 -19.95 1.96
C LYS A 311 -1.80 -18.96 2.52
N VAL A 312 -2.26 -18.01 1.69
CA VAL A 312 -3.32 -17.08 2.14
C VAL A 312 -4.60 -17.85 2.52
N ILE A 313 -5.02 -18.76 1.66
CA ILE A 313 -6.22 -19.55 1.95
C ILE A 313 -6.02 -20.41 3.20
N ASP A 314 -4.87 -21.12 3.28
CA ASP A 314 -4.56 -21.98 4.43
C ASP A 314 -4.63 -21.23 5.75
N ALA A 315 -4.22 -19.95 5.76
CA ALA A 315 -4.24 -19.18 7.00
C ALA A 315 -5.62 -18.68 7.39
N GLY A 316 -6.65 -18.93 6.60
CA GLY A 316 -8.01 -18.57 7.01
C GLY A 316 -8.52 -17.29 6.38
N ALA A 317 -7.87 -16.76 5.35
CA ALA A 317 -8.26 -15.42 4.89
C ALA A 317 -9.70 -15.40 4.37
N LEU A 318 -10.15 -16.48 3.72
CA LEU A 318 -11.45 -16.37 3.07
C LEU A 318 -12.58 -16.14 4.05
N ALA A 319 -12.44 -16.54 5.32
CA ALA A 319 -13.51 -16.35 6.28
C ALA A 319 -13.73 -14.89 6.61
N VAL A 320 -12.79 -14.01 6.27
CA VAL A 320 -12.95 -12.57 6.51
C VAL A 320 -13.67 -11.87 5.35
N PHE A 321 -13.79 -12.51 4.20
CA PHE A 321 -14.31 -11.83 3.04
C PHE A 321 -15.79 -11.53 3.06
N PRO A 322 -16.65 -12.26 3.76
CA PRO A 322 -18.04 -11.77 3.87
C PRO A 322 -18.10 -10.35 4.40
N SER A 323 -17.27 -10.01 5.39
CA SER A 323 -17.27 -8.66 5.91
CA SER A 323 -17.28 -8.65 5.91
CA SER A 323 -17.28 -8.66 5.92
C SER A 323 -16.53 -7.69 4.99
N LEU A 324 -15.40 -8.11 4.40
CA LEU A 324 -14.66 -7.20 3.53
C LEU A 324 -15.46 -6.86 2.27
N LEU A 325 -16.14 -7.84 1.67
CA LEU A 325 -16.95 -7.58 0.47
C LEU A 325 -18.24 -6.83 0.73
N THR A 326 -18.56 -6.56 2.00
CA THR A 326 -19.68 -5.68 2.35
C THR A 326 -19.21 -4.49 3.16
N ASN A 327 -17.92 -4.19 3.15
CA ASN A 327 -17.40 -3.19 4.07
C ASN A 327 -17.88 -1.81 3.63
N PRO A 328 -18.28 -0.97 4.59
CA PRO A 328 -18.77 0.39 4.25
C PRO A 328 -17.73 1.25 3.58
N LYS A 329 -16.44 0.97 3.73
CA LYS A 329 -15.43 1.80 3.04
C LYS A 329 -15.25 1.28 1.63
N THR A 330 -15.54 2.14 0.64
CA THR A 330 -15.53 1.72 -0.76
CA THR A 330 -15.54 1.68 -0.75
C THR A 330 -14.17 1.14 -1.16
N ASN A 331 -13.09 1.76 -0.68
CA ASN A 331 -11.77 1.27 -1.05
C ASN A 331 -11.52 -0.17 -0.54
N ILE A 332 -12.05 -0.51 0.64
CA ILE A 332 -11.87 -1.87 1.17
C ILE A 332 -12.64 -2.88 0.31
N GLN A 333 -13.90 -2.57 -0.06
CA GLN A 333 -14.65 -3.46 -0.93
C GLN A 333 -13.96 -3.64 -2.25
N LYS A 334 -13.42 -2.55 -2.80
CA LYS A 334 -12.76 -2.63 -4.09
C LYS A 334 -11.53 -3.53 -4.03
N GLU A 335 -10.66 -3.31 -3.01
CA GLU A 335 -9.45 -4.12 -2.87
C GLU A 335 -9.76 -5.57 -2.53
N ALA A 336 -10.80 -5.79 -1.73
CA ALA A 336 -11.21 -7.15 -1.42
C ALA A 336 -11.72 -7.87 -2.69
N THR A 337 -12.44 -7.15 -3.57
CA THR A 337 -12.97 -7.79 -4.78
C THR A 337 -11.83 -8.06 -5.77
N TRP A 338 -10.88 -7.14 -5.84
CA TRP A 338 -9.69 -7.38 -6.66
C TRP A 338 -8.95 -8.61 -6.16
N THR A 339 -8.75 -8.70 -4.85
CA THR A 339 -8.13 -9.88 -4.27
C THR A 339 -8.92 -11.15 -4.63
N MET A 340 -10.25 -11.09 -4.52
CA MET A 340 -11.04 -12.26 -4.90
C MET A 340 -10.81 -12.63 -6.36
N SER A 341 -10.63 -11.61 -7.23
CA SER A 341 -10.46 -11.95 -8.64
C SER A 341 -9.12 -12.64 -8.86
N ASN A 342 -8.10 -12.35 -8.05
CA ASN A 342 -6.86 -13.10 -8.23
C ASN A 342 -6.92 -14.48 -7.58
N ILE A 343 -7.84 -14.71 -6.65
CA ILE A 343 -8.05 -16.04 -6.13
C ILE A 343 -8.86 -16.88 -7.12
N THR A 344 -9.89 -16.30 -7.74
CA THR A 344 -10.64 -17.09 -8.72
C THR A 344 -9.84 -17.32 -10.01
N ALA A 345 -8.73 -16.63 -10.18
CA ALA A 345 -7.80 -16.98 -11.26
C ALA A 345 -6.89 -18.16 -10.90
N GLY A 346 -7.10 -18.80 -9.74
CA GLY A 346 -6.26 -19.91 -9.30
C GLY A 346 -6.74 -21.26 -9.79
N ARG A 347 -6.38 -22.29 -9.02
CA ARG A 347 -6.68 -23.69 -9.34
C ARG A 347 -8.14 -23.98 -9.03
N GLN A 348 -8.66 -25.05 -9.64
CA GLN A 348 -10.02 -25.46 -9.33
C GLN A 348 -10.20 -25.77 -7.86
N ASP A 349 -9.19 -26.32 -7.18
CA ASP A 349 -9.40 -26.54 -5.75
C ASP A 349 -9.42 -25.21 -4.97
N GLN A 350 -8.81 -24.15 -5.51
CA GLN A 350 -8.93 -22.85 -4.83
C GLN A 350 -10.27 -22.21 -5.14
N ILE A 351 -10.72 -22.29 -6.39
CA ILE A 351 -12.10 -21.87 -6.65
C ILE A 351 -13.06 -22.61 -5.72
N GLN A 352 -12.79 -23.90 -5.47
CA GLN A 352 -13.74 -24.66 -4.64
C GLN A 352 -13.77 -24.13 -3.21
N GLN A 353 -12.63 -23.70 -2.68
CA GLN A 353 -12.65 -23.08 -1.36
C GLN A 353 -13.42 -21.75 -1.36
N VAL A 354 -13.38 -21.01 -2.47
CA VAL A 354 -14.20 -19.80 -2.56
C VAL A 354 -15.67 -20.18 -2.48
N VAL A 355 -16.06 -21.20 -3.22
CA VAL A 355 -17.43 -21.72 -3.12
C VAL A 355 -17.75 -22.14 -1.68
N ASN A 356 -16.87 -22.98 -1.08
CA ASN A 356 -17.20 -23.54 0.24
C ASN A 356 -17.37 -22.45 1.29
N HIS A 357 -16.59 -21.38 1.18
CA HIS A 357 -16.72 -20.29 2.15
C HIS A 357 -17.93 -19.40 1.90
N GLY A 358 -18.76 -19.76 0.91
CA GLY A 358 -20.00 -19.02 0.70
C GLY A 358 -19.76 -17.69 0.01
N LEU A 359 -18.67 -17.54 -0.74
CA LEU A 359 -18.32 -16.23 -1.26
C LEU A 359 -18.96 -15.93 -2.61
N VAL A 360 -19.53 -16.91 -3.31
CA VAL A 360 -20.08 -16.60 -4.63
C VAL A 360 -21.31 -15.70 -4.44
N PRO A 361 -22.18 -15.93 -3.43
CA PRO A 361 -23.27 -14.96 -3.22
C PRO A 361 -22.77 -13.55 -2.94
N PHE A 362 -21.66 -13.41 -2.23
CA PHE A 362 -21.09 -12.07 -1.99
C PHE A 362 -20.59 -11.43 -3.28
N LEU A 363 -20.03 -12.24 -4.20
CA LEU A 363 -19.68 -11.69 -5.52
C LEU A 363 -20.92 -11.29 -6.33
N VAL A 364 -21.99 -12.09 -6.28
CA VAL A 364 -23.25 -11.66 -6.90
C VAL A 364 -23.72 -10.32 -6.28
N GLY A 365 -23.62 -10.20 -4.96
CA GLY A 365 -24.00 -8.95 -4.29
C GLY A 365 -23.21 -7.74 -4.82
N VAL A 366 -21.90 -7.86 -4.90
CA VAL A 366 -21.08 -6.72 -5.36
CA VAL A 366 -21.08 -6.72 -5.36
C VAL A 366 -21.34 -6.44 -6.83
N LEU A 367 -21.51 -7.48 -7.65
CA LEU A 367 -21.89 -7.25 -9.04
CA LEU A 367 -21.90 -7.26 -9.04
C LEU A 367 -23.23 -6.52 -9.12
N SER A 368 -24.17 -6.83 -8.21
CA SER A 368 -25.49 -6.22 -8.26
C SER A 368 -25.46 -4.75 -7.83
N LYS A 369 -24.65 -4.42 -6.84
CA LYS A 369 -24.68 -3.07 -6.26
C LYS A 369 -23.35 -2.83 -5.58
N ALA A 370 -22.58 -1.88 -6.10
CA ALA A 370 -21.31 -1.47 -5.51
C ALA A 370 -20.86 -0.26 -6.31
N ASP A 371 -19.83 0.43 -5.81
CA ASP A 371 -19.18 1.44 -6.64
CA ASP A 371 -19.20 1.45 -6.65
C ASP A 371 -18.76 0.81 -7.97
N PHE A 372 -18.79 1.59 -9.05
CA PHE A 372 -18.54 0.99 -10.36
C PHE A 372 -17.16 0.35 -10.45
N LYS A 373 -16.15 0.95 -9.79
CA LYS A 373 -14.82 0.36 -9.85
C LYS A 373 -14.78 -1.01 -9.18
N THR A 374 -15.53 -1.17 -8.09
CA THR A 374 -15.72 -2.49 -7.46
C THR A 374 -16.46 -3.44 -8.37
N GLN A 375 -17.56 -2.99 -9.01
CA GLN A 375 -18.29 -3.85 -9.92
C GLN A 375 -17.38 -4.39 -11.03
N LYS A 376 -16.42 -3.58 -11.46
CA LYS A 376 -15.51 -4.00 -12.51
C LYS A 376 -14.59 -5.10 -12.02
N GLU A 377 -14.04 -4.95 -10.80
CA GLU A 377 -13.28 -6.05 -10.19
C GLU A 377 -14.14 -7.29 -10.03
N ALA A 378 -15.42 -7.12 -9.69
CA ALA A 378 -16.30 -8.28 -9.57
C ALA A 378 -16.49 -8.95 -10.93
N ALA A 379 -16.65 -8.16 -11.98
CA ALA A 379 -16.75 -8.77 -13.32
C ALA A 379 -15.49 -9.59 -13.65
N TRP A 380 -14.30 -9.05 -13.33
CA TRP A 380 -13.06 -9.83 -13.51
C TRP A 380 -13.07 -11.11 -12.69
N ALA A 381 -13.48 -11.01 -11.41
CA ALA A 381 -13.53 -12.21 -10.57
C ALA A 381 -14.41 -13.29 -11.22
N ILE A 382 -15.51 -12.88 -11.84
CA ILE A 382 -16.42 -13.85 -12.47
C ILE A 382 -15.79 -14.43 -13.74
N THR A 383 -15.20 -13.57 -14.58
CA THR A 383 -14.56 -14.14 -15.78
C THR A 383 -13.41 -15.08 -15.43
N ASN A 384 -12.58 -14.71 -14.45
CA ASN A 384 -11.53 -15.63 -14.04
C ASN A 384 -12.11 -16.93 -13.55
N TYR A 385 -13.15 -16.85 -12.70
CA TYR A 385 -13.79 -18.06 -12.20
C TYR A 385 -14.29 -18.94 -13.36
N THR A 386 -15.00 -18.33 -14.32
CA THR A 386 -15.57 -19.11 -15.43
C THR A 386 -14.48 -19.61 -16.37
N SER A 387 -13.34 -18.92 -16.43
CA SER A 387 -12.24 -19.41 -17.27
CA SER A 387 -12.25 -19.41 -17.28
C SER A 387 -11.59 -20.65 -16.67
N GLY A 388 -11.38 -20.67 -15.36
CA GLY A 388 -10.70 -21.77 -14.71
C GLY A 388 -11.53 -22.86 -14.06
N GLY A 389 -12.83 -22.61 -13.88
CA GLY A 389 -13.63 -23.47 -13.06
C GLY A 389 -14.12 -24.74 -13.79
N THR A 390 -14.54 -25.74 -13.00
CA THR A 390 -15.19 -26.94 -13.53
C THR A 390 -16.60 -26.61 -14.01
N VAL A 391 -17.19 -27.55 -14.76
CA VAL A 391 -18.57 -27.38 -15.21
C VAL A 391 -19.48 -27.19 -14.00
N GLU A 392 -19.29 -27.99 -12.95
CA GLU A 392 -20.18 -27.94 -11.78
C GLU A 392 -20.03 -26.61 -11.06
N GLN A 393 -18.79 -26.11 -10.98
CA GLN A 393 -18.55 -24.81 -10.37
C GLN A 393 -19.23 -23.69 -11.15
N ILE A 394 -19.19 -23.76 -12.48
CA ILE A 394 -19.78 -22.73 -13.31
C ILE A 394 -21.29 -22.75 -13.19
N VAL A 395 -21.88 -23.95 -13.25
CA VAL A 395 -23.32 -24.12 -13.04
C VAL A 395 -23.76 -23.43 -11.75
N TYR A 396 -23.01 -23.68 -10.68
CA TYR A 396 -23.28 -23.12 -9.37
C TYR A 396 -23.37 -21.60 -9.43
N LEU A 397 -22.47 -20.97 -10.19
CA LEU A 397 -22.51 -19.52 -10.40
CA LEU A 397 -22.50 -19.53 -10.37
C LEU A 397 -23.87 -19.07 -10.89
N VAL A 398 -24.41 -19.80 -11.87
CA VAL A 398 -25.72 -19.42 -12.40
C VAL A 398 -26.80 -19.63 -11.35
N HIS A 399 -26.78 -20.76 -10.64
CA HIS A 399 -27.76 -20.96 -9.57
C HIS A 399 -27.71 -19.91 -8.48
N CYS A 400 -26.53 -19.29 -8.28
CA CYS A 400 -26.44 -18.22 -7.28
C CYS A 400 -27.00 -16.90 -7.76
N GLY A 401 -27.36 -16.80 -9.02
CA GLY A 401 -27.93 -15.59 -9.57
C GLY A 401 -26.98 -14.67 -10.30
N ILE A 402 -25.90 -15.19 -10.88
CA ILE A 402 -24.93 -14.29 -11.51
C ILE A 402 -25.48 -13.63 -12.79
N ILE A 403 -26.44 -14.25 -13.48
CA ILE A 403 -26.73 -13.81 -14.86
C ILE A 403 -27.38 -12.43 -14.89
N GLU A 404 -28.37 -12.19 -14.05
CA GLU A 404 -29.05 -10.91 -14.18
C GLU A 404 -28.14 -9.74 -13.86
N PRO A 405 -27.39 -9.72 -12.76
CA PRO A 405 -26.50 -8.57 -12.55
C PRO A 405 -25.39 -8.46 -13.60
N LEU A 406 -24.92 -9.59 -14.15
CA LEU A 406 -23.98 -9.52 -15.27
CA LEU A 406 -23.98 -9.51 -15.27
C LEU A 406 -24.60 -8.82 -16.47
N MET A 407 -25.85 -9.18 -16.81
CA MET A 407 -26.51 -8.54 -17.94
C MET A 407 -26.70 -7.06 -17.69
N ASN A 408 -27.11 -6.69 -16.47
CA ASN A 408 -27.33 -5.27 -16.18
C ASN A 408 -26.07 -4.44 -16.40
N LEU A 409 -24.90 -5.01 -16.15
CA LEU A 409 -23.68 -4.23 -16.33
C LEU A 409 -23.29 -4.08 -17.79
N LEU A 410 -24.05 -4.66 -18.72
CA LEU A 410 -23.74 -4.43 -20.12
C LEU A 410 -24.15 -3.03 -20.57
N SER A 411 -24.87 -2.29 -19.74
CA SER A 411 -25.22 -0.91 -20.02
C SER A 411 -24.10 0.05 -19.70
N ALA A 412 -22.96 -0.45 -19.25
CA ALA A 412 -21.87 0.40 -18.82
C ALA A 412 -21.12 0.93 -20.03
N LYS A 413 -20.80 2.22 -20.00
CA LYS A 413 -20.03 2.83 -21.08
C LYS A 413 -18.54 2.69 -20.82
N ASP A 414 -18.15 1.46 -20.45
CA ASP A 414 -16.76 1.08 -20.25
C ASP A 414 -16.49 -0.12 -21.15
N THR A 415 -15.52 0.02 -22.06
CA THR A 415 -15.37 -1.00 -23.10
C THR A 415 -14.76 -2.27 -22.53
N LYS A 416 -13.84 -2.16 -21.59
CA LYS A 416 -13.20 -3.39 -21.14
C LYS A 416 -14.12 -4.20 -20.22
N ILE A 417 -14.98 -3.57 -19.43
CA ILE A 417 -15.88 -4.39 -18.62
C ILE A 417 -16.87 -5.13 -19.51
N ILE A 418 -17.30 -4.50 -20.61
CA ILE A 418 -18.16 -5.20 -21.57
C ILE A 418 -17.42 -6.40 -22.15
N GLN A 419 -16.17 -6.22 -22.54
CA GLN A 419 -15.39 -7.36 -23.03
C GLN A 419 -15.32 -8.45 -21.97
N VAL A 420 -15.08 -8.05 -20.70
CA VAL A 420 -14.94 -9.01 -19.61
C VAL A 420 -16.23 -9.82 -19.45
N ILE A 421 -17.38 -9.12 -19.45
CA ILE A 421 -18.65 -9.80 -19.25
C ILE A 421 -18.97 -10.73 -20.42
N LEU A 422 -18.73 -10.28 -21.64
CA LEU A 422 -18.99 -11.13 -22.80
C LEU A 422 -18.17 -12.39 -22.75
N ASP A 423 -16.89 -12.28 -22.36
CA ASP A 423 -16.06 -13.47 -22.15
C ASP A 423 -16.68 -14.41 -21.13
N ALA A 424 -17.21 -13.86 -20.03
CA ALA A 424 -17.81 -14.72 -19.02
C ALA A 424 -19.01 -15.46 -19.58
N ILE A 425 -19.87 -14.74 -20.28
CA ILE A 425 -21.07 -15.36 -20.86
CA ILE A 425 -21.07 -15.37 -20.86
C ILE A 425 -20.68 -16.51 -21.78
N SER A 426 -19.70 -16.28 -22.65
CA SER A 426 -19.22 -17.34 -23.52
C SER A 426 -18.74 -18.53 -22.70
N ASN A 427 -17.96 -18.27 -21.65
CA ASN A 427 -17.52 -19.38 -20.82
C ASN A 427 -18.67 -20.10 -20.18
N ILE A 428 -19.71 -19.36 -19.75
CA ILE A 428 -20.85 -20.01 -19.12
C ILE A 428 -21.58 -20.86 -20.17
N PHE A 429 -21.79 -20.31 -21.37
CA PHE A 429 -22.40 -21.11 -22.44
C PHE A 429 -21.60 -22.39 -22.72
N GLN A 430 -20.26 -22.28 -22.80
CA GLN A 430 -19.48 -23.47 -23.09
C GLN A 430 -19.74 -24.55 -22.06
N ALA A 431 -19.82 -24.18 -20.78
CA ALA A 431 -20.18 -25.15 -19.75
C ALA A 431 -21.58 -25.69 -19.97
N ALA A 432 -22.49 -24.83 -20.46
CA ALA A 432 -23.85 -25.27 -20.73
C ALA A 432 -23.90 -26.23 -21.91
N GLU A 433 -23.08 -26.02 -22.94
CA GLU A 433 -22.96 -26.98 -24.03
C GLU A 433 -22.69 -28.38 -23.51
N LYS A 434 -21.67 -28.52 -22.65
CA LYS A 434 -21.29 -29.84 -22.16
C LYS A 434 -22.41 -30.50 -21.38
N LEU A 435 -23.35 -29.75 -20.85
CA LEU A 435 -24.52 -30.33 -20.20
C LEU A 435 -25.73 -30.39 -21.12
N GLY A 436 -25.61 -29.87 -22.34
CA GLY A 436 -26.75 -29.82 -23.25
C GLY A 436 -27.87 -28.94 -22.77
N GLU A 437 -27.55 -27.76 -22.21
CA GLU A 437 -28.58 -26.91 -21.62
C GLU A 437 -28.41 -25.46 -22.02
N THR A 438 -27.87 -25.20 -23.22
CA THR A 438 -27.68 -23.82 -23.63
C THR A 438 -29.01 -23.11 -23.80
N GLU A 439 -30.06 -23.82 -24.19
CA GLU A 439 -31.35 -23.16 -24.39
C GLU A 439 -31.90 -22.61 -23.08
N LYS A 440 -31.85 -23.41 -22.00
CA LYS A 440 -32.21 -22.89 -20.69
C LYS A 440 -31.47 -21.60 -20.39
N LEU A 441 -30.18 -21.54 -20.72
CA LEU A 441 -29.41 -20.32 -20.45
C LEU A 441 -29.84 -19.18 -21.35
N SER A 442 -30.05 -19.47 -22.65
CA SER A 442 -30.54 -18.44 -23.57
C SER A 442 -31.80 -17.77 -23.05
N ILE A 443 -32.76 -18.58 -22.63
CA ILE A 443 -34.00 -18.02 -22.09
C ILE A 443 -33.72 -17.16 -20.86
N MET A 444 -32.86 -17.64 -19.96
CA MET A 444 -32.48 -16.83 -18.81
C MET A 444 -31.99 -15.47 -19.25
N ILE A 445 -31.09 -15.45 -20.23
CA ILE A 445 -30.52 -14.19 -20.67
C ILE A 445 -31.60 -13.33 -21.30
N GLU A 446 -32.52 -13.96 -22.02
CA GLU A 446 -33.59 -13.23 -22.69
C GLU A 446 -34.59 -12.65 -21.69
N GLU A 447 -34.98 -13.42 -20.67
CA GLU A 447 -36.03 -12.96 -19.76
C GLU A 447 -35.60 -11.71 -18.97
N CYS A 448 -34.31 -11.52 -18.75
CA CYS A 448 -33.87 -10.38 -17.95
C CYS A 448 -33.36 -9.23 -18.81
N GLY A 449 -33.63 -9.26 -20.10
CA GLY A 449 -33.24 -8.17 -20.98
C GLY A 449 -31.83 -8.24 -21.49
N GLY A 450 -31.15 -9.36 -21.28
CA GLY A 450 -29.76 -9.47 -21.69
C GLY A 450 -29.59 -9.60 -23.19
N LEU A 451 -30.50 -10.34 -23.85
CA LEU A 451 -30.40 -10.50 -25.29
C LEU A 451 -30.47 -9.15 -26.01
N ASP A 452 -31.34 -8.26 -25.55
CA ASP A 452 -31.39 -6.91 -26.11
C ASP A 452 -30.01 -6.24 -26.05
N LYS A 453 -29.41 -6.22 -24.86
CA LYS A 453 -28.11 -5.59 -24.71
C LYS A 453 -27.06 -6.28 -25.58
N ILE A 454 -27.14 -7.60 -25.76
CA ILE A 454 -26.14 -8.28 -26.58
C ILE A 454 -26.34 -7.95 -28.06
N GLU A 455 -27.60 -7.94 -28.52
CA GLU A 455 -27.89 -7.57 -29.90
C GLU A 455 -27.44 -6.13 -30.18
N ALA A 456 -27.74 -5.21 -29.27
CA ALA A 456 -27.33 -3.82 -29.48
C ALA A 456 -25.81 -3.71 -29.58
N LEU A 457 -25.07 -4.61 -28.93
CA LEU A 457 -23.62 -4.57 -28.97
C LEU A 457 -23.05 -5.07 -30.29
N GLN A 458 -23.85 -5.75 -31.11
CA GLN A 458 -23.39 -6.06 -32.46
C GLN A 458 -23.08 -4.78 -33.24
N ARG A 459 -23.79 -3.70 -32.93
CA ARG A 459 -23.54 -2.38 -33.52
C ARG A 459 -22.66 -1.51 -32.62
N HIS A 460 -21.95 -2.09 -31.67
CA HIS A 460 -20.99 -1.34 -30.86
C HIS A 460 -19.70 -1.15 -31.66
N GLU A 461 -19.00 -0.06 -31.34
CA GLU A 461 -17.88 0.39 -32.18
C GLU A 461 -16.67 -0.52 -32.05
N ASN A 462 -16.35 -0.99 -30.85
CA ASN A 462 -15.14 -1.78 -30.64
C ASN A 462 -15.29 -3.14 -31.32
N GLU A 463 -14.37 -3.45 -32.23
CA GLU A 463 -14.51 -4.67 -33.04
C GLU A 463 -14.48 -5.93 -32.18
N SER A 464 -13.65 -5.94 -31.13
CA SER A 464 -13.63 -7.08 -30.22
C SER A 464 -15.00 -7.27 -29.55
N VAL A 465 -15.70 -6.16 -29.26
CA VAL A 465 -17.01 -6.21 -28.63
C VAL A 465 -18.08 -6.73 -29.60
N TYR A 466 -18.11 -6.21 -30.82
CA TYR A 466 -19.17 -6.62 -31.75
C TYR A 466 -18.92 -8.02 -32.29
N LYS A 467 -17.66 -8.45 -32.39
CA LYS A 467 -17.39 -9.83 -32.79
C LYS A 467 -17.89 -10.81 -31.74
N ALA A 468 -17.58 -10.53 -30.46
CA ALA A 468 -18.03 -11.40 -29.38
C ALA A 468 -19.55 -11.46 -29.31
N SER A 469 -20.22 -10.33 -29.45
CA SER A 469 -21.67 -10.34 -29.41
C SER A 469 -22.27 -11.04 -30.64
N LEU A 470 -21.68 -10.82 -31.83
CA LEU A 470 -22.12 -11.54 -33.02
C LEU A 470 -22.03 -13.04 -32.80
N ASN A 471 -20.88 -13.53 -32.33
CA ASN A 471 -20.73 -14.97 -32.10
C ASN A 471 -21.81 -15.50 -31.15
N LEU A 472 -22.07 -14.79 -30.05
CA LEU A 472 -23.07 -15.26 -29.09
C LEU A 472 -24.44 -15.39 -29.74
N ILE A 473 -24.88 -14.34 -30.44
CA ILE A 473 -26.17 -14.37 -31.11
C ILE A 473 -26.21 -15.49 -32.14
N GLU A 474 -25.21 -15.54 -33.03
CA GLU A 474 -25.15 -16.59 -34.06
C GLU A 474 -25.19 -17.98 -33.45
N LYS A 475 -24.57 -18.15 -32.29
CA LYS A 475 -24.29 -19.49 -31.77
C LYS A 475 -25.41 -20.03 -30.88
N TYR A 476 -26.05 -19.17 -30.08
CA TYR A 476 -26.97 -19.63 -29.06
C TYR A 476 -28.35 -19.01 -29.12
N PHE A 477 -28.55 -17.94 -29.90
CA PHE A 477 -29.84 -17.26 -29.94
C PHE A 477 -30.53 -17.36 -31.31
N SER A 478 -30.18 -18.34 -32.13
CA SER A 478 -30.86 -18.54 -33.41
C SER A 478 -30.65 -19.95 -33.96
N LYS B 7 -3.78 -15.19 -15.94
CA LYS B 7 -5.04 -14.86 -15.30
C LYS B 7 -4.83 -13.81 -14.19
N LYS B 8 -3.77 -13.96 -13.39
CA LYS B 8 -3.50 -13.00 -12.31
C LYS B 8 -3.33 -11.59 -12.87
N ARG B 9 -3.81 -10.60 -12.13
CA ARG B 9 -3.68 -9.20 -12.53
C ARG B 9 -3.05 -8.41 -11.39
N ARG B 10 -1.79 -8.00 -11.57
CA ARG B 10 -1.18 -6.97 -10.72
C ARG B 10 -1.73 -5.63 -11.19
N ARG B 11 -2.96 -5.32 -10.75
CA ARG B 11 -3.68 -4.13 -11.17
C ARG B 11 -4.31 -3.37 -9.99
N GLU B 12 -3.86 -3.63 -8.76
CA GLU B 12 -4.45 -3.12 -7.50
C GLU B 12 -5.87 -2.51 -7.64
N GLY C 6 1.65 8.43 4.39
CA GLY C 6 2.35 9.56 3.81
C GLY C 6 3.83 9.25 3.72
N LYS C 7 4.43 9.63 2.58
CA LYS C 7 5.88 9.43 2.34
C LYS C 7 6.73 10.32 3.25
N LYS C 8 6.27 11.55 3.55
CA LYS C 8 7.05 12.51 4.32
C LYS C 8 6.20 13.04 5.47
N ARG C 9 6.84 13.45 6.56
CA ARG C 9 6.11 13.93 7.75
C ARG C 9 6.84 15.16 8.27
N ARG C 10 6.11 16.23 8.56
CA ARG C 10 6.70 17.44 9.11
C ARG C 10 6.45 17.41 10.61
N ARG C 11 7.47 17.71 11.41
CA ARG C 11 7.30 17.70 12.87
C ARG C 11 6.79 19.07 13.31
N GLU C 12 5.61 19.08 13.91
CA GLU C 12 4.96 20.33 14.26
C GLU C 12 5.05 20.70 15.73
N ARG C 13 5.39 19.79 16.61
CA ARG C 13 5.40 20.12 18.04
C ARG C 13 6.35 19.20 18.79
#